data_8XIN
#
_entry.id   8XIN
#
_cell.length_a   76.686
_cell.length_b   83.533
_cell.length_c   61.794
_cell.angle_alpha   90.00
_cell.angle_beta   100.47
_cell.angle_gamma   90.00
#
_symmetry.space_group_name_H-M   'C 1 2 1'
#
loop_
_entity.id
_entity.type
_entity.pdbx_description
1 polymer '4-hydroxyphenylpyruvate dioxygenase'
2 non-polymer 'COBALT (II) ION'
3 non-polymer 1,6-dimethyl-7-(2-oxidanyl-6-oxidanylidene-cyclohexen-1-yl)carbonyl-4-[[4-(trifluoromethyl)phenyl]methyl]-3~{H}-1,4-benzodiazepine-2,5-dione
4 water water
#
_entity_poly.entity_id   1
_entity_poly.type   'polypeptide(L)'
_entity_poly.pdbx_seq_one_letter_code
;GSHMVRKNPKSDKFKVKRFHHIEFWCGDATNVARRFSWGLGMRFSAKSDLSTGNMVHASYLLTSGDLRFLFTAPYSPSLS
AGEIKPTTTASIPSFDHGSCRSFFSSHGLGVRAVAIEVEDAESAFSISVANGAIPSSPPIVLNEAVTIAEVKLYGDVVLR
YVSYKAEDTEKSEFLPGFERVEDASSFPLDYGIRRLDHAVGNVPELGPALTYVAGFTGFHQFAEFTADDVGTAESGLNSA
VLASNDEMVLLPINEPVHGTKRKSQIQTYLEHNEGAGLQHLALMSEDIFRTLREMRKRSSIGGFDFMPSPPPTYYQNLKK
RVGDVLSDDQIKECEELGILVDRDDQGTLLQIFTKPLGDRPTIFIEIIQRVGCMMKDEEGKAYQSGGCGGFGKGNFSELF
KSIEEYEKTLEAKQLVG
;
_entity_poly.pdbx_strand_id   A
#
loop_
_chem_comp.id
_chem_comp.type
_chem_comp.name
_chem_comp.formula
A1LVO non-polymer 1,6-dimethyl-7-(2-oxidanyl-6-oxidanylidene-cyclohexen-1-yl)carbonyl-4-[[4-(trifluoromethyl)phenyl]methyl]-3~{H}-1,4-benzodiazepine-2,5-dione 'C26 H23 F3 N2 O5'
CO non-polymer 'COBALT (II) ION' 'Co 2'
#
# COMPACT_ATOMS: atom_id res chain seq x y z
N LYS A 7 14.92 -11.43 16.25
CA LYS A 7 14.44 -11.01 17.55
C LYS A 7 13.35 -9.94 17.42
N ASN A 8 12.31 -10.06 18.25
CA ASN A 8 11.18 -9.14 18.24
C ASN A 8 11.01 -8.60 19.66
N PRO A 9 11.48 -7.38 19.93
CA PRO A 9 11.40 -6.82 21.28
C PRO A 9 10.04 -6.29 21.67
N LYS A 10 9.06 -6.34 20.76
CA LYS A 10 7.67 -5.97 21.03
C LYS A 10 7.59 -4.61 21.73
N SER A 11 8.14 -3.60 21.06
CA SER A 11 8.36 -2.29 21.66
C SER A 11 7.37 -1.22 21.16
N ASP A 12 6.26 -1.61 20.55
CA ASP A 12 5.22 -0.65 20.13
C ASP A 12 4.85 0.25 21.30
N LYS A 13 4.80 1.55 21.03
CA LYS A 13 4.49 2.49 22.09
C LYS A 13 2.99 2.66 22.31
N PHE A 14 2.17 2.06 21.46
CA PHE A 14 0.72 2.02 21.62
C PHE A 14 0.21 0.79 20.91
N LYS A 15 -1.03 0.40 21.22
CA LYS A 15 -1.58 -0.84 20.69
C LYS A 15 -2.01 -0.66 19.24
N VAL A 16 -1.38 -1.41 18.34
CA VAL A 16 -1.64 -1.36 16.91
C VAL A 16 -2.34 -2.65 16.54
N LYS A 17 -3.35 -2.57 15.68
CA LYS A 17 -4.06 -3.77 15.30
C LYS A 17 -3.66 -4.18 13.89
N ARG A 18 -4.30 -3.64 12.86
CA ARG A 18 -4.00 -4.04 11.50
C ARG A 18 -4.02 -2.81 10.59
N PHE A 19 -3.47 -2.98 9.40
CA PHE A 19 -3.74 -2.04 8.32
C PHE A 19 -5.23 -1.88 8.16
N HIS A 20 -5.68 -0.64 8.03
CA HIS A 20 -7.10 -0.33 7.92
C HIS A 20 -7.49 0.07 6.51
N HIS A 21 -6.84 1.07 5.95
CA HIS A 21 -7.13 1.47 4.58
C HIS A 21 -5.96 2.25 4.02
N ILE A 22 -6.00 2.46 2.71
CA ILE A 22 -5.03 3.27 1.98
C ILE A 22 -5.85 4.33 1.24
N GLU A 23 -5.46 5.59 1.38
CA GLU A 23 -6.17 6.67 0.70
C GLU A 23 -5.31 7.27 -0.41
N PHE A 24 -5.84 7.25 -1.63
CA PHE A 24 -5.25 7.93 -2.77
C PHE A 24 -5.83 9.33 -2.88
N TRP A 25 -4.97 10.33 -3.12
CA TRP A 25 -5.44 11.65 -3.46
C TRP A 25 -5.36 11.79 -4.99
N CYS A 26 -6.47 12.19 -5.58
CA CYS A 26 -6.68 12.11 -7.03
C CYS A 26 -7.09 13.47 -7.55
N GLY A 27 -7.05 13.58 -8.89
CA GLY A 27 -7.66 14.74 -9.51
C GLY A 27 -9.14 14.48 -9.67
N ASP A 28 -9.47 13.31 -10.20
CA ASP A 28 -10.86 12.86 -10.33
C ASP A 28 -10.98 11.49 -9.67
N ALA A 29 -11.66 11.44 -8.53
CA ALA A 29 -11.76 10.19 -7.78
C ALA A 29 -12.58 9.16 -8.52
N THR A 30 -13.61 9.61 -9.24
CA THR A 30 -14.51 8.69 -9.94
C THR A 30 -13.75 7.83 -10.94
N ASN A 31 -12.94 8.46 -11.79
CA ASN A 31 -12.29 7.69 -12.85
C ASN A 31 -11.21 6.78 -12.30
N VAL A 32 -10.46 7.23 -11.29
CA VAL A 32 -9.44 6.35 -10.70
C VAL A 32 -10.11 5.17 -10.03
N ALA A 33 -11.14 5.43 -9.24
CA ALA A 33 -11.82 4.34 -8.53
C ALA A 33 -12.42 3.32 -9.50
N ARG A 34 -13.05 3.79 -10.57
CA ARG A 34 -13.63 2.83 -11.52
C ARG A 34 -12.55 2.00 -12.19
N ARG A 35 -11.41 2.63 -12.56
CA ARG A 35 -10.32 1.89 -13.18
C ARG A 35 -9.77 0.85 -12.22
N PHE A 36 -9.52 1.26 -10.97
CA PHE A 36 -8.96 0.34 -9.98
C PHE A 36 -9.93 -0.80 -9.67
N SER A 37 -11.22 -0.50 -9.61
CA SER A 37 -12.21 -1.53 -9.31
C SER A 37 -12.16 -2.64 -10.34
N TRP A 38 -12.13 -2.27 -11.62
CA TRP A 38 -12.10 -3.26 -12.68
C TRP A 38 -10.75 -3.97 -12.74
N GLY A 39 -9.66 -3.22 -12.60
CA GLY A 39 -8.34 -3.81 -12.74
C GLY A 39 -7.95 -4.76 -11.63
N LEU A 40 -8.43 -4.51 -10.40
CA LEU A 40 -8.05 -5.27 -9.22
C LEU A 40 -9.17 -6.16 -8.68
N GLY A 41 -10.39 -6.01 -9.17
CA GLY A 41 -11.49 -6.84 -8.69
C GLY A 41 -11.92 -6.41 -7.31
N MET A 42 -12.07 -5.10 -7.12
CA MET A 42 -12.54 -4.56 -5.86
C MET A 42 -13.93 -3.99 -6.05
N ARG A 43 -14.79 -4.20 -5.07
CA ARG A 43 -16.16 -3.74 -5.19
C ARG A 43 -16.31 -2.35 -4.57
N PHE A 44 -17.21 -1.55 -5.16
CA PHE A 44 -17.59 -0.29 -4.56
C PHE A 44 -18.41 -0.55 -3.30
N SER A 45 -17.92 -0.08 -2.15
CA SER A 45 -18.50 -0.41 -0.85
C SER A 45 -19.09 0.78 -0.10
N ALA A 46 -18.58 1.99 -0.31
CA ALA A 46 -19.07 3.15 0.43
C ALA A 46 -18.70 4.41 -0.33
N LYS A 47 -19.46 5.48 -0.08
CA LYS A 47 -19.20 6.75 -0.73
C LYS A 47 -19.47 7.90 0.22
N SER A 48 -18.80 9.02 -0.02
CA SER A 48 -19.08 10.28 0.64
C SER A 48 -18.87 11.36 -0.42
N ASP A 49 -19.94 12.01 -0.85
CA ASP A 49 -19.84 12.93 -1.98
C ASP A 49 -21.06 13.83 -1.95
N LEU A 50 -21.32 14.53 -3.07
CA LEU A 50 -22.45 15.45 -3.10
C LEU A 50 -23.75 14.74 -2.75
N SER A 51 -23.90 13.49 -3.18
CA SER A 51 -25.15 12.78 -2.93
C SER A 51 -25.34 12.42 -1.47
N THR A 52 -24.29 12.50 -0.65
CA THR A 52 -24.40 12.25 0.79
C THR A 52 -24.30 13.55 1.60
N GLY A 53 -24.30 14.69 0.93
CA GLY A 53 -24.21 15.98 1.61
C GLY A 53 -22.82 16.54 1.78
N ASN A 54 -21.80 15.88 1.24
CA ASN A 54 -20.42 16.35 1.34
C ASN A 54 -20.17 17.35 0.21
N MET A 55 -20.04 18.64 0.54
CA MET A 55 -19.76 19.69 -0.43
C MET A 55 -18.29 19.97 -0.60
N VAL A 56 -17.44 19.23 0.11
CA VAL A 56 -16.00 19.50 0.17
C VAL A 56 -15.21 18.55 -0.73
N HIS A 57 -15.39 17.24 -0.54
CA HIS A 57 -14.62 16.26 -1.29
C HIS A 57 -15.50 15.09 -1.72
N ALA A 58 -15.09 14.44 -2.80
CA ALA A 58 -15.67 13.19 -3.27
C ALA A 58 -14.74 12.07 -2.85
N SER A 59 -15.28 11.08 -2.15
CA SER A 59 -14.49 9.97 -1.65
C SER A 59 -15.23 8.66 -1.91
N TYR A 60 -14.56 7.73 -2.59
CA TYR A 60 -15.16 6.43 -2.93
C TYR A 60 -14.30 5.32 -2.37
N LEU A 61 -14.95 4.36 -1.69
CA LEU A 61 -14.25 3.26 -1.04
C LEU A 61 -14.47 1.98 -1.86
N LEU A 62 -13.36 1.32 -2.21
CA LEU A 62 -13.36 -0.02 -2.82
C LEU A 62 -12.88 -1.02 -1.79
N THR A 63 -13.45 -2.23 -1.78
CA THR A 63 -12.98 -3.24 -0.85
C THR A 63 -12.80 -4.57 -1.58
N SER A 64 -11.84 -5.35 -1.12
CA SER A 64 -11.72 -6.75 -1.52
C SER A 64 -11.23 -7.48 -0.28
N GLY A 65 -12.09 -8.33 0.29
CA GLY A 65 -11.76 -8.91 1.59
C GLY A 65 -11.60 -7.82 2.63
N ASP A 66 -10.45 -7.80 3.29
CA ASP A 66 -10.13 -6.79 4.28
C ASP A 66 -9.36 -5.61 3.69
N LEU A 67 -9.03 -5.65 2.41
CA LEU A 67 -8.33 -4.53 1.77
C LEU A 67 -9.30 -3.40 1.48
N ARG A 68 -8.92 -2.18 1.84
CA ARG A 68 -9.78 -1.02 1.64
C ARG A 68 -8.96 0.06 0.95
N PHE A 69 -9.39 0.45 -0.24
CA PHE A 69 -8.79 1.52 -1.02
C PHE A 69 -9.77 2.67 -1.09
N LEU A 70 -9.36 3.85 -0.59
CA LEU A 70 -10.15 5.07 -0.63
C LEU A 70 -9.58 6.02 -1.68
N PHE A 71 -10.45 6.59 -2.52
CA PHE A 71 -10.06 7.54 -3.57
C PHE A 71 -10.78 8.85 -3.32
N THR A 72 -10.02 9.94 -3.17
CA THR A 72 -10.58 11.22 -2.77
C THR A 72 -10.06 12.33 -3.69
N ALA A 73 -10.95 13.25 -4.03
CA ALA A 73 -10.63 14.42 -4.84
C ALA A 73 -11.42 15.61 -4.33
N PRO A 74 -10.90 16.83 -4.47
CA PRO A 74 -11.64 18.02 -4.04
C PRO A 74 -12.65 18.50 -5.06
N TYR A 75 -13.79 19.00 -4.56
CA TYR A 75 -14.70 19.78 -5.39
C TYR A 75 -14.17 21.21 -5.50
N SER A 76 -14.85 22.02 -6.29
CA SER A 76 -14.60 23.46 -6.25
C SER A 76 -14.73 23.97 -4.82
N PRO A 77 -13.75 24.70 -4.29
CA PRO A 77 -13.92 25.32 -2.97
C PRO A 77 -15.17 26.20 -2.87
N SER A 78 -15.67 26.72 -4.00
CA SER A 78 -16.84 27.59 -3.95
C SER A 78 -18.07 26.89 -3.37
N LEU A 79 -18.15 25.56 -3.49
CA LEU A 79 -19.30 24.84 -2.94
C LEU A 79 -19.35 24.90 -1.43
N SER A 80 -18.19 25.06 -0.78
CA SER A 80 -18.11 25.01 0.67
C SER A 80 -17.55 26.31 1.25
N ALA A 81 -17.60 27.40 0.47
CA ALA A 81 -16.93 28.63 0.87
C ALA A 81 -17.50 29.20 2.16
N GLY A 82 -18.78 28.94 2.45
CA GLY A 82 -19.36 29.44 3.66
C GLY A 82 -19.09 28.60 4.88
N GLU A 83 -18.48 27.43 4.70
CA GLU A 83 -18.22 26.54 5.82
C GLU A 83 -16.98 26.95 6.60
N ILE A 84 -16.97 26.60 7.89
CA ILE A 84 -15.78 26.61 8.70
C ILE A 84 -15.63 25.19 9.26
N LYS A 85 -14.47 24.91 9.84
CA LYS A 85 -14.27 23.55 10.34
C LYS A 85 -15.37 23.11 11.31
N PRO A 86 -15.85 23.95 12.24
CA PRO A 86 -16.98 23.53 13.08
C PRO A 86 -18.26 23.22 12.32
N THR A 87 -18.44 23.71 11.10
CA THR A 87 -19.66 23.48 10.34
C THR A 87 -19.41 22.66 9.07
N THR A 88 -18.30 21.95 8.99
CA THR A 88 -17.89 21.34 7.72
C THR A 88 -18.84 20.21 7.33
N THR A 89 -19.00 20.03 6.02
CA THR A 89 -19.68 18.86 5.48
C THR A 89 -18.72 17.78 5.01
N ALA A 90 -17.40 18.01 5.14
CA ALA A 90 -16.44 16.96 4.86
C ALA A 90 -16.63 15.81 5.84
N SER A 91 -16.51 14.59 5.33
CA SER A 91 -16.56 13.40 6.17
C SER A 91 -15.18 13.02 6.71
N ILE A 92 -14.12 13.53 6.09
CA ILE A 92 -12.76 13.31 6.56
C ILE A 92 -12.22 14.66 7.00
N PRO A 93 -12.25 14.95 8.30
CA PRO A 93 -11.98 16.33 8.76
C PRO A 93 -10.58 16.81 8.48
N SER A 94 -9.63 15.89 8.27
CA SER A 94 -8.28 16.29 7.92
C SER A 94 -8.15 16.79 6.49
N PHE A 95 -9.17 16.62 5.66
CA PHE A 95 -9.06 17.02 4.26
C PHE A 95 -8.93 18.53 4.13
N ASP A 96 -8.11 18.97 3.18
CA ASP A 96 -7.96 20.38 2.87
C ASP A 96 -7.80 20.55 1.36
N HIS A 97 -8.61 21.42 0.74
CA HIS A 97 -8.56 21.62 -0.71
C HIS A 97 -7.14 21.95 -1.16
N GLY A 98 -6.51 22.94 -0.51
CA GLY A 98 -5.19 23.36 -0.94
C GLY A 98 -4.14 22.29 -0.76
N SER A 99 -4.20 21.57 0.37
CA SER A 99 -3.26 20.47 0.59
C SER A 99 -3.40 19.42 -0.50
N CYS A 100 -4.64 19.09 -0.86
CA CYS A 100 -4.87 18.03 -1.82
C CYS A 100 -4.41 18.45 -3.22
N ARG A 101 -4.75 19.67 -3.64
CA ARG A 101 -4.30 20.12 -4.95
C ARG A 101 -2.78 20.24 -5.00
N SER A 102 -2.16 20.73 -3.91
CA SER A 102 -0.71 20.84 -3.89
C SER A 102 -0.05 19.47 -3.93
N PHE A 103 -0.55 18.53 -3.13
CA PHE A 103 -0.06 17.15 -3.19
C PHE A 103 -0.13 16.62 -4.62
N PHE A 104 -1.28 16.76 -5.27
CA PHE A 104 -1.42 16.13 -6.58
C PHE A 104 -0.58 16.85 -7.63
N SER A 105 -0.52 18.17 -7.57
CA SER A 105 0.30 18.90 -8.53
C SER A 105 1.76 18.52 -8.37
N SER A 106 2.22 18.32 -7.12
CA SER A 106 3.61 17.98 -6.87
C SER A 106 3.94 16.54 -7.24
N HIS A 107 3.09 15.60 -6.82
CA HIS A 107 3.44 14.19 -6.89
C HIS A 107 2.69 13.40 -7.94
N GLY A 108 1.57 13.92 -8.45
CA GLY A 108 0.71 13.12 -9.29
C GLY A 108 -0.10 12.16 -8.42
N LEU A 109 -0.79 11.24 -9.09
CA LEU A 109 -1.64 10.27 -8.41
C LEU A 109 -0.84 9.38 -7.47
N GLY A 110 -1.28 9.28 -6.22
CA GLY A 110 -0.52 8.48 -5.29
C GLY A 110 -1.19 8.44 -3.93
N VAL A 111 -0.51 7.78 -3.00
CA VAL A 111 -1.02 7.54 -1.66
C VAL A 111 -0.73 8.75 -0.78
N ARG A 112 -1.77 9.33 -0.22
CA ARG A 112 -1.68 10.34 0.82
C ARG A 112 -1.62 9.71 2.21
N ALA A 113 -2.45 8.70 2.49
CA ALA A 113 -2.56 8.18 3.84
C ALA A 113 -2.41 6.66 3.87
N VAL A 114 -1.54 6.19 4.75
CA VAL A 114 -1.44 4.79 5.14
C VAL A 114 -2.13 4.70 6.50
N ALA A 115 -3.28 4.07 6.56
CA ALA A 115 -4.09 4.09 7.77
C ALA A 115 -4.00 2.76 8.48
N ILE A 116 -3.71 2.81 9.78
CA ILE A 116 -3.71 1.62 10.61
C ILE A 116 -4.78 1.76 11.69
N GLU A 117 -5.43 0.65 12.02
CA GLU A 117 -6.39 0.66 13.12
C GLU A 117 -5.61 0.49 14.43
N VAL A 118 -5.94 1.32 15.41
CA VAL A 118 -5.30 1.27 16.72
C VAL A 118 -6.39 1.19 17.79
N GLU A 119 -5.95 0.93 19.02
CA GLU A 119 -6.87 0.86 20.15
C GLU A 119 -7.51 2.21 20.43
N ASP A 120 -6.71 3.28 20.36
CA ASP A 120 -7.13 4.60 20.78
C ASP A 120 -6.34 5.59 19.93
N ALA A 121 -7.00 6.18 18.92
CA ALA A 121 -6.30 7.07 18.00
C ALA A 121 -5.81 8.34 18.69
N GLU A 122 -6.57 8.82 19.69
CA GLU A 122 -6.08 10.00 20.41
C GLU A 122 -4.81 9.67 21.19
N SER A 123 -4.78 8.53 21.86
CA SER A 123 -3.58 8.16 22.61
C SER A 123 -2.42 7.88 21.66
N ALA A 124 -2.66 7.13 20.58
CA ALA A 124 -1.59 6.90 19.61
C ALA A 124 -1.02 8.21 19.09
N PHE A 125 -1.88 9.18 18.81
CA PHE A 125 -1.40 10.47 18.32
C PHE A 125 -0.55 11.17 19.38
N SER A 126 -1.07 11.25 20.60
CA SER A 126 -0.35 11.95 21.67
C SER A 126 1.00 11.29 21.92
N ILE A 127 1.02 9.97 22.07
CA ILE A 127 2.27 9.25 22.30
C ILE A 127 3.22 9.41 21.11
N SER A 128 2.68 9.33 19.89
CA SER A 128 3.55 9.51 18.72
C SER A 128 4.23 10.87 18.74
N VAL A 129 3.47 11.95 18.96
CA VAL A 129 4.03 13.29 18.92
C VAL A 129 4.98 13.50 20.10
N ALA A 130 4.63 12.95 21.27
CA ALA A 130 5.53 12.98 22.42
C ALA A 130 6.86 12.31 22.11
N ASN A 131 6.88 11.38 21.15
CA ASN A 131 8.08 10.64 20.78
C ASN A 131 8.61 11.04 19.40
N GLY A 132 8.32 12.26 18.96
CA GLY A 132 8.99 12.85 17.82
C GLY A 132 8.19 12.93 16.55
N ALA A 133 6.99 12.37 16.50
CA ALA A 133 6.20 12.44 15.27
C ALA A 133 5.79 13.88 14.99
N ILE A 134 5.86 14.28 13.73
CA ILE A 134 5.44 15.60 13.29
C ILE A 134 3.91 15.54 13.07
N PRO A 135 3.13 16.30 13.84
CA PRO A 135 1.67 16.20 13.69
C PRO A 135 1.23 16.70 12.33
N SER A 136 0.18 16.07 11.81
CA SER A 136 -0.42 16.50 10.55
C SER A 136 -1.89 16.87 10.71
N SER A 137 -2.65 16.10 11.48
CA SER A 137 -4.03 16.42 11.78
C SER A 137 -4.34 15.89 13.18
N PRO A 138 -4.88 16.71 14.06
CA PRO A 138 -5.09 16.28 15.45
C PRO A 138 -6.22 15.29 15.55
N PRO A 139 -6.37 14.62 16.69
CA PRO A 139 -7.47 13.65 16.83
C PRO A 139 -8.82 14.36 16.74
N ILE A 140 -9.71 13.78 15.95
CA ILE A 140 -11.05 14.31 15.76
C ILE A 140 -12.00 13.14 15.92
N VAL A 141 -12.99 13.30 16.80
CA VAL A 141 -13.98 12.25 17.04
C VAL A 141 -15.16 12.46 16.11
N LEU A 142 -15.50 11.41 15.36
CA LEU A 142 -16.57 11.47 14.37
C LEU A 142 -17.80 10.78 14.94
N ASN A 143 -18.87 11.57 15.13
CA ASN A 143 -20.18 11.08 15.59
C ASN A 143 -20.04 10.19 16.84
N GLU A 144 -19.12 10.57 17.73
CA GLU A 144 -18.88 9.85 18.99
C GLU A 144 -18.60 8.36 18.75
N ALA A 145 -18.09 8.02 17.58
CA ALA A 145 -17.98 6.62 17.19
C ALA A 145 -16.59 6.23 16.70
N VAL A 146 -15.92 7.11 15.97
CA VAL A 146 -14.63 6.81 15.36
C VAL A 146 -13.70 7.98 15.59
N THR A 147 -12.48 7.71 16.02
CA THR A 147 -11.48 8.75 16.15
C THR A 147 -10.41 8.58 15.08
N ILE A 148 -10.02 9.70 14.48
CA ILE A 148 -9.02 9.71 13.41
C ILE A 148 -8.00 10.79 13.72
N ALA A 149 -6.72 10.47 13.48
CA ALA A 149 -5.62 11.41 13.67
C ALA A 149 -4.52 11.05 12.69
N GLU A 150 -3.63 12.01 12.41
CA GLU A 150 -2.62 11.84 11.37
C GLU A 150 -1.29 12.47 11.79
N VAL A 151 -0.21 11.73 11.53
CA VAL A 151 1.15 12.25 11.69
C VAL A 151 1.91 12.03 10.39
N LYS A 152 2.98 12.81 10.19
CA LYS A 152 3.75 12.66 8.96
C LYS A 152 4.54 11.35 8.99
N LEU A 153 4.52 10.63 7.86
CA LEU A 153 5.28 9.39 7.75
C LEU A 153 6.59 9.60 6.98
N TYR A 154 6.49 9.98 5.71
CA TYR A 154 7.61 10.41 4.88
C TYR A 154 7.03 11.21 3.73
N GLY A 155 7.82 12.15 3.22
CA GLY A 155 7.33 13.03 2.15
C GLY A 155 6.05 13.70 2.59
N ASP A 156 5.04 13.67 1.71
CA ASP A 156 3.72 14.17 2.03
C ASP A 156 2.73 13.04 2.33
N VAL A 157 3.25 11.87 2.69
CA VAL A 157 2.45 10.73 3.11
C VAL A 157 2.26 10.81 4.62
N VAL A 158 1.04 10.58 5.09
CA VAL A 158 0.74 10.57 6.52
C VAL A 158 0.46 9.15 6.97
N LEU A 159 0.80 8.87 8.22
CA LEU A 159 0.33 7.68 8.90
C LEU A 159 -0.94 8.08 9.65
N ARG A 160 -2.05 7.47 9.29
CA ARG A 160 -3.36 7.82 9.85
C ARG A 160 -3.76 6.77 10.87
N TYR A 161 -4.10 7.22 12.08
CA TYR A 161 -4.61 6.33 13.12
C TYR A 161 -6.13 6.38 13.12
N VAL A 162 -6.77 5.23 13.16
CA VAL A 162 -8.23 5.14 13.28
C VAL A 162 -8.56 4.19 14.43
N SER A 163 -9.51 4.58 15.26
CA SER A 163 -9.96 3.72 16.35
C SER A 163 -11.47 3.77 16.46
N TYR A 164 -12.07 2.63 16.78
CA TYR A 164 -13.51 2.47 16.83
C TYR A 164 -13.93 2.15 18.26
N LYS A 165 -14.95 2.86 18.74
CA LYS A 165 -15.51 2.51 20.05
C LYS A 165 -16.05 1.09 20.04
N ALA A 166 -16.89 0.77 19.07
CA ALA A 166 -17.48 -0.57 19.01
C ALA A 166 -16.78 -1.44 17.97
N GLU A 173 -21.03 2.35 6.82
CA GLU A 173 -19.89 1.91 7.60
C GLU A 173 -18.63 2.63 7.15
N PHE A 174 -17.47 2.04 7.46
CA PHE A 174 -16.15 2.63 7.23
C PHE A 174 -15.94 3.84 8.13
N LEU A 175 -16.57 4.96 7.81
CA LEU A 175 -16.50 6.16 8.63
C LEU A 175 -17.86 6.81 8.69
N PRO A 176 -18.19 7.49 9.79
CA PRO A 176 -19.44 8.25 9.85
C PRO A 176 -19.52 9.24 8.70
N GLY A 177 -20.70 9.38 8.12
CA GLY A 177 -20.89 10.25 7.00
C GLY A 177 -20.70 9.58 5.65
N PHE A 178 -20.11 8.39 5.63
CA PHE A 178 -20.09 7.57 4.43
C PHE A 178 -21.38 6.77 4.36
N GLU A 179 -21.88 6.57 3.15
CA GLU A 179 -23.05 5.74 2.93
C GLU A 179 -22.65 4.45 2.23
N ARG A 180 -23.31 3.35 2.60
CA ARG A 180 -23.18 2.10 1.86
C ARG A 180 -23.70 2.27 0.44
N VAL A 181 -23.03 1.60 -0.49
CA VAL A 181 -23.26 1.84 -1.91
C VAL A 181 -24.45 1.01 -2.39
N GLU A 182 -25.33 1.65 -3.17
CA GLU A 182 -26.49 1.01 -3.76
C GLU A 182 -26.08 -0.26 -4.51
N ASP A 183 -26.87 -1.32 -4.30
CA ASP A 183 -26.52 -2.64 -4.82
C ASP A 183 -26.19 -2.61 -6.30
N ALA A 184 -26.97 -1.87 -7.09
CA ALA A 184 -26.82 -1.92 -8.55
C ALA A 184 -25.44 -1.44 -8.99
N SER A 185 -24.93 -0.39 -8.37
CA SER A 185 -23.57 0.07 -8.67
C SER A 185 -22.51 -0.69 -7.89
N SER A 186 -22.92 -1.63 -7.02
CA SER A 186 -21.98 -2.45 -6.26
C SER A 186 -21.96 -3.84 -6.89
N PHE A 187 -21.19 -3.98 -7.95
CA PHE A 187 -20.99 -5.27 -8.60
C PHE A 187 -19.97 -6.10 -7.81
N PRO A 188 -20.28 -7.37 -7.49
CA PRO A 188 -19.43 -8.09 -6.52
C PRO A 188 -18.17 -8.69 -7.16
N LEU A 189 -17.34 -7.83 -7.75
CA LEU A 189 -16.08 -8.29 -8.31
C LEU A 189 -15.18 -8.84 -7.21
N ASP A 190 -14.38 -9.83 -7.56
CA ASP A 190 -13.44 -10.42 -6.62
C ASP A 190 -12.45 -11.30 -7.37
N TYR A 191 -11.18 -10.88 -7.45
CA TYR A 191 -10.14 -11.69 -8.07
C TYR A 191 -9.25 -12.37 -7.05
N GLY A 192 -9.63 -12.35 -5.78
CA GLY A 192 -8.90 -13.08 -4.75
C GLY A 192 -8.07 -12.24 -3.81
N ILE A 193 -7.99 -10.93 -4.01
CA ILE A 193 -7.20 -10.12 -3.09
C ILE A 193 -7.91 -9.99 -1.75
N ARG A 194 -7.15 -10.09 -0.65
CA ARG A 194 -7.76 -10.17 0.66
C ARG A 194 -7.27 -9.15 1.69
N ARG A 195 -6.02 -8.67 1.60
CA ARG A 195 -5.59 -7.69 2.60
C ARG A 195 -4.30 -7.02 2.13
N LEU A 196 -3.97 -5.91 2.79
CA LEU A 196 -2.70 -5.23 2.57
C LEU A 196 -1.61 -5.93 3.37
N ASP A 197 -0.59 -6.40 2.69
CA ASP A 197 0.51 -7.08 3.37
C ASP A 197 1.57 -6.10 3.84
N HIS A 198 1.99 -5.18 2.97
CA HIS A 198 2.94 -4.15 3.39
C HIS A 198 2.82 -2.94 2.47
N ALA A 199 3.35 -1.81 2.97
CA ALA A 199 3.33 -0.55 2.25
C ALA A 199 4.72 0.06 2.36
N VAL A 200 5.29 0.47 1.24
CA VAL A 200 6.72 0.72 1.12
C VAL A 200 6.96 2.17 0.71
N GLY A 201 7.85 2.84 1.44
CA GLY A 201 8.24 4.20 1.13
C GLY A 201 9.60 4.27 0.47
N ASN A 202 9.76 5.23 -0.45
CA ASN A 202 11.05 5.61 -1.01
C ASN A 202 11.46 6.95 -0.41
N VAL A 203 12.69 7.04 0.08
CA VAL A 203 13.22 8.26 0.68
C VAL A 203 14.63 8.49 0.16
N PRO A 204 15.11 9.73 0.23
CA PRO A 204 16.51 9.98 -0.16
C PRO A 204 17.52 9.41 0.81
N GLU A 205 17.20 9.34 2.11
CA GLU A 205 18.13 8.86 3.13
C GLU A 205 17.42 7.92 4.08
N LEU A 206 17.78 6.64 4.04
CA LEU A 206 17.10 5.61 4.81
C LEU A 206 17.27 5.81 6.31
N GLY A 207 18.50 6.06 6.75
CA GLY A 207 18.82 6.17 8.16
C GLY A 207 17.91 7.11 8.93
N PRO A 208 17.86 8.39 8.52
CA PRO A 208 16.98 9.33 9.22
C PRO A 208 15.50 8.96 9.14
N ALA A 209 15.07 8.38 8.01
CA ALA A 209 13.68 7.96 7.89
C ALA A 209 13.35 6.86 8.89
N LEU A 210 14.22 5.85 8.99
CA LEU A 210 14.00 4.77 9.94
C LEU A 210 13.98 5.29 11.37
N THR A 211 14.99 6.08 11.74
CA THR A 211 15.08 6.60 13.10
C THR A 211 13.83 7.36 13.48
N TYR A 212 13.31 8.18 12.55
CA TYR A 212 12.11 8.96 12.82
C TYR A 212 10.91 8.06 13.07
N VAL A 213 10.61 7.15 12.13
CA VAL A 213 9.40 6.36 12.25
C VAL A 213 9.49 5.39 13.42
N ALA A 214 10.60 4.67 13.53
CA ALA A 214 10.75 3.77 14.67
C ALA A 214 10.75 4.55 15.98
N GLY A 215 11.24 5.79 15.94
CA GLY A 215 11.26 6.62 17.14
C GLY A 215 9.87 6.86 17.71
N PHE A 216 8.90 7.20 16.85
CA PHE A 216 7.60 7.59 17.39
C PHE A 216 6.60 6.43 17.48
N THR A 217 6.84 5.31 16.78
CA THR A 217 5.95 4.15 16.87
C THR A 217 6.43 3.10 17.86
N GLY A 218 7.74 2.97 18.04
CA GLY A 218 8.27 1.79 18.68
C GLY A 218 8.31 0.57 17.79
N PHE A 219 8.00 0.72 16.50
CA PHE A 219 8.14 -0.41 15.58
C PHE A 219 9.59 -0.85 15.54
N HIS A 220 9.80 -2.16 15.46
CA HIS A 220 11.13 -2.74 15.48
C HIS A 220 11.55 -3.13 14.08
N GLN A 221 12.86 -3.29 13.89
CA GLN A 221 13.36 -3.74 12.61
C GLN A 221 13.05 -5.22 12.43
N PHE A 222 12.33 -5.52 11.36
CA PHE A 222 11.97 -6.89 11.01
C PHE A 222 13.16 -7.56 10.35
N ALA A 223 13.33 -8.87 10.61
CA ALA A 223 14.55 -9.57 10.25
C ALA A 223 14.62 -9.90 8.75
N GLU A 224 15.73 -9.54 8.17
CA GLU A 224 15.98 -9.87 6.80
C GLU A 224 17.27 -10.70 6.78
N GLU A 234 23.61 -4.01 -4.43
CA GLU A 234 24.40 -3.90 -5.65
C GLU A 234 23.53 -3.45 -6.83
N SER A 235 22.21 -3.46 -6.63
CA SER A 235 21.24 -3.15 -7.68
C SER A 235 20.16 -2.22 -7.13
N GLY A 236 20.52 -0.96 -6.96
CA GLY A 236 19.51 0.07 -6.82
C GLY A 236 19.24 0.65 -5.44
N LEU A 237 19.25 -0.17 -4.38
CA LEU A 237 18.67 0.30 -3.13
C LEU A 237 19.36 -0.33 -1.93
N ASN A 238 19.18 0.33 -0.78
CA ASN A 238 19.22 -0.28 0.53
C ASN A 238 17.83 -0.16 1.14
N SER A 239 17.44 -1.14 1.94
CA SER A 239 16.12 -1.07 2.53
C SER A 239 16.13 -1.74 3.90
N ALA A 240 15.15 -1.35 4.72
CA ALA A 240 14.91 -1.97 6.01
C ALA A 240 13.41 -1.93 6.27
N VAL A 241 12.94 -2.81 7.14
CA VAL A 241 11.52 -3.01 7.35
C VAL A 241 11.21 -2.77 8.82
N LEU A 242 10.22 -1.91 9.09
CA LEU A 242 9.71 -1.70 10.44
C LEU A 242 8.42 -2.48 10.64
N ALA A 243 8.25 -3.04 11.83
CA ALA A 243 7.13 -3.94 12.10
C ALA A 243 6.52 -3.66 13.47
N SER A 244 5.20 -3.85 13.55
CA SER A 244 4.46 -3.75 14.81
C SER A 244 4.73 -5.01 15.65
N ASN A 245 4.14 -5.05 16.85
CA ASN A 245 4.43 -6.11 17.82
C ASN A 245 4.19 -7.51 17.23
N ASP A 246 3.04 -7.73 16.62
CA ASP A 246 2.75 -9.04 16.02
C ASP A 246 3.21 -9.13 14.57
N GLU A 247 3.91 -8.11 14.08
CA GLU A 247 4.54 -8.07 12.75
C GLU A 247 3.51 -8.18 11.62
N MET A 248 2.28 -7.75 11.89
CA MET A 248 1.24 -7.68 10.86
C MET A 248 1.12 -6.32 10.20
N VAL A 249 1.64 -5.26 10.82
CA VAL A 249 1.83 -4.00 10.15
C VAL A 249 3.30 -3.93 9.78
N LEU A 250 3.57 -3.85 8.48
CA LEU A 250 4.91 -3.95 7.91
C LEU A 250 5.16 -2.75 7.03
N LEU A 251 6.19 -1.97 7.35
CA LEU A 251 6.49 -0.73 6.65
C LEU A 251 7.95 -0.75 6.20
N PRO A 252 8.24 -1.32 5.05
CA PRO A 252 9.58 -1.18 4.47
C PRO A 252 9.83 0.24 3.98
N ILE A 253 11.11 0.64 4.02
CA ILE A 253 11.57 1.92 3.49
C ILE A 253 12.83 1.67 2.69
N ASN A 254 12.95 2.31 1.52
CA ASN A 254 14.08 2.17 0.62
C ASN A 254 14.78 3.51 0.44
N GLU A 255 16.08 3.46 0.21
CA GLU A 255 16.86 4.59 -0.25
C GLU A 255 17.64 4.19 -1.50
N PRO A 256 18.01 5.15 -2.34
CA PRO A 256 18.77 4.80 -3.55
C PRO A 256 20.22 4.48 -3.23
N VAL A 257 20.84 3.71 -4.11
CA VAL A 257 22.29 3.50 -4.09
C VAL A 257 22.84 4.10 -5.38
N HIS A 258 23.55 5.21 -5.26
CA HIS A 258 23.94 6.04 -6.40
C HIS A 258 25.22 5.52 -7.07
N GLY A 259 25.45 6.01 -8.28
CA GLY A 259 26.65 5.67 -9.04
C GLY A 259 26.72 4.19 -9.38
N THR A 260 25.61 3.63 -9.83
CA THR A 260 25.52 2.22 -10.18
C THR A 260 25.58 2.04 -11.69
N LYS A 261 25.75 0.79 -12.11
CA LYS A 261 25.76 0.44 -13.53
C LYS A 261 24.45 0.87 -14.17
N ARG A 262 23.36 0.19 -13.83
CA ARG A 262 22.03 0.64 -14.20
C ARG A 262 21.51 1.65 -13.18
N LYS A 263 20.70 2.61 -13.65
CA LYS A 263 20.23 3.68 -12.78
C LYS A 263 19.29 3.13 -11.71
N SER A 264 19.43 3.66 -10.49
CA SER A 264 18.58 3.22 -9.39
C SER A 264 17.12 3.56 -9.64
N GLN A 265 16.25 2.55 -9.54
CA GLN A 265 14.82 2.80 -9.66
C GLN A 265 14.29 3.64 -8.51
N ILE A 266 14.97 3.63 -7.36
CA ILE A 266 14.57 4.51 -6.27
C ILE A 266 14.84 5.96 -6.63
N GLN A 267 15.99 6.23 -7.26
CA GLN A 267 16.31 7.60 -7.65
C GLN A 267 15.34 8.08 -8.73
N THR A 268 15.03 7.22 -9.71
CA THR A 268 14.04 7.57 -10.72
C THR A 268 12.71 7.94 -10.07
N TYR A 269 12.25 7.13 -9.10
CA TYR A 269 11.05 7.46 -8.35
C TYR A 269 11.15 8.87 -7.77
N LEU A 270 12.22 9.15 -7.03
CA LEU A 270 12.31 10.42 -6.32
C LEU A 270 12.31 11.59 -7.29
N GLU A 271 12.92 11.41 -8.46
CA GLU A 271 12.91 12.45 -9.48
C GLU A 271 11.50 12.71 -10.00
N HIS A 272 10.79 11.66 -10.40
CA HIS A 272 9.49 11.85 -11.01
C HIS A 272 8.40 12.18 -9.98
N ASN A 273 8.58 11.76 -8.73
CA ASN A 273 7.60 12.03 -7.67
C ASN A 273 7.79 13.38 -7.00
N GLU A 274 8.86 14.12 -7.33
CA GLU A 274 9.28 15.30 -6.56
C GLU A 274 9.52 14.93 -5.10
N GLY A 275 10.32 13.89 -4.87
CA GLY A 275 10.80 13.54 -3.55
C GLY A 275 10.15 12.29 -2.99
N ALA A 276 10.32 12.12 -1.68
CA ALA A 276 9.88 10.91 -1.00
C ALA A 276 8.39 10.70 -1.15
N GLY A 277 7.99 9.43 -1.14
CA GLY A 277 6.59 9.07 -1.20
C GLY A 277 6.46 7.57 -1.14
N LEU A 278 5.22 7.12 -1.22
CA LEU A 278 4.96 5.68 -1.19
C LEU A 278 5.32 5.06 -2.53
N GLN A 279 6.13 4.01 -2.49
CA GLN A 279 6.60 3.31 -3.70
C GLN A 279 5.64 2.22 -4.14
N HIS A 280 5.29 1.29 -3.25
CA HIS A 280 4.37 0.24 -3.70
C HIS A 280 3.52 -0.24 -2.54
N LEU A 281 2.37 -0.78 -2.91
CA LEU A 281 1.47 -1.47 -2.01
C LEU A 281 1.48 -2.94 -2.36
N ALA A 282 1.74 -3.80 -1.38
CA ALA A 282 1.73 -5.24 -1.61
C ALA A 282 0.42 -5.82 -1.09
N LEU A 283 -0.33 -6.45 -1.99
CA LEU A 283 -1.67 -6.93 -1.72
C LEU A 283 -1.64 -8.44 -1.66
N MET A 284 -1.99 -9.00 -0.50
CA MET A 284 -2.01 -10.45 -0.36
C MET A 284 -3.24 -11.03 -1.04
N SER A 285 -3.01 -12.07 -1.83
CA SER A 285 -4.08 -12.84 -2.45
C SER A 285 -4.21 -14.20 -1.77
N GLU A 286 -5.46 -14.68 -1.66
CA GLU A 286 -5.71 -16.05 -1.21
C GLU A 286 -5.45 -17.07 -2.30
N ASP A 287 -5.20 -16.64 -3.53
CA ASP A 287 -4.99 -17.54 -4.65
C ASP A 287 -4.34 -16.72 -5.74
N ILE A 288 -3.00 -16.59 -5.67
CA ILE A 288 -2.31 -15.65 -6.54
C ILE A 288 -2.44 -16.08 -8.00
N PHE A 289 -2.63 -17.38 -8.25
CA PHE A 289 -2.84 -17.83 -9.62
C PHE A 289 -4.13 -17.27 -10.19
N ARG A 290 -5.23 -17.36 -9.43
CA ARG A 290 -6.49 -16.81 -9.93
C ARG A 290 -6.40 -15.29 -10.05
N THR A 291 -5.81 -14.62 -9.07
CA THR A 291 -5.70 -13.16 -9.14
C THR A 291 -4.98 -12.71 -10.40
N LEU A 292 -3.87 -13.37 -10.73
CA LEU A 292 -3.08 -12.95 -11.88
C LEU A 292 -3.75 -13.35 -13.19
N ARG A 293 -4.42 -14.51 -13.23
CA ARG A 293 -5.20 -14.82 -14.43
C ARG A 293 -6.23 -13.73 -14.68
N GLU A 294 -6.96 -13.33 -13.62
CA GLU A 294 -8.01 -12.35 -13.78
C GLU A 294 -7.45 -10.96 -14.08
N MET A 295 -6.37 -10.57 -13.42
CA MET A 295 -5.80 -9.25 -13.70
C MET A 295 -5.21 -9.20 -15.11
N ARG A 296 -4.56 -10.27 -15.55
CA ARG A 296 -3.91 -10.24 -16.87
C ARG A 296 -4.93 -10.25 -18.01
N LYS A 297 -6.06 -10.93 -17.82
CA LYS A 297 -7.14 -10.84 -18.79
C LYS A 297 -7.62 -9.42 -19.02
N ARG A 298 -7.43 -8.55 -18.04
CA ARG A 298 -7.98 -7.20 -18.08
C ARG A 298 -6.92 -6.13 -18.34
N SER A 299 -5.63 -6.50 -18.43
CA SER A 299 -4.57 -5.51 -18.60
C SER A 299 -4.85 -4.55 -19.74
N SER A 300 -5.26 -5.07 -20.89
CA SER A 300 -5.40 -4.24 -22.08
C SER A 300 -6.83 -3.75 -22.31
N ILE A 301 -7.73 -4.01 -21.36
CA ILE A 301 -9.09 -3.50 -21.44
C ILE A 301 -9.45 -2.73 -20.18
N GLY A 302 -8.53 -1.86 -19.74
CA GLY A 302 -8.82 -0.94 -18.65
C GLY A 302 -8.09 -1.25 -17.36
N GLY A 303 -7.52 -2.43 -17.23
CA GLY A 303 -6.89 -2.88 -15.99
C GLY A 303 -5.45 -2.44 -15.88
N PHE A 304 -4.64 -3.28 -15.24
CA PHE A 304 -3.25 -2.98 -14.96
C PHE A 304 -2.33 -3.87 -15.77
N ASP A 305 -1.21 -3.29 -16.21
CA ASP A 305 -0.16 -4.03 -16.88
C ASP A 305 0.83 -4.53 -15.84
N PHE A 306 1.55 -5.58 -16.20
CA PHE A 306 2.58 -6.13 -15.34
C PHE A 306 3.96 -5.93 -15.94
N MET A 307 4.97 -5.87 -15.06
CA MET A 307 6.34 -5.72 -15.50
C MET A 307 6.74 -6.89 -16.41
N PRO A 308 7.74 -6.69 -17.27
CA PRO A 308 8.15 -7.77 -18.18
C PRO A 308 8.53 -9.02 -17.42
N SER A 309 8.09 -10.16 -17.93
CA SER A 309 8.25 -11.43 -17.23
C SER A 309 9.71 -11.87 -17.29
N PRO A 310 10.14 -12.71 -16.34
CA PRO A 310 11.51 -13.21 -16.37
C PRO A 310 11.70 -14.19 -17.52
N PRO A 311 12.94 -14.46 -17.92
CA PRO A 311 13.19 -15.44 -18.99
C PRO A 311 12.89 -16.85 -18.53
N PRO A 312 12.75 -17.81 -19.45
CA PRO A 312 12.44 -19.19 -19.03
C PRO A 312 13.52 -19.80 -18.15
N THR A 313 14.76 -19.34 -18.26
CA THR A 313 15.81 -19.82 -17.38
C THR A 313 15.47 -19.58 -15.92
N TYR A 314 14.80 -18.47 -15.62
CA TYR A 314 14.36 -18.21 -14.24
C TYR A 314 13.47 -19.33 -13.74
N TYR A 315 12.58 -19.84 -14.59
CA TYR A 315 11.64 -20.85 -14.15
C TYR A 315 12.28 -22.23 -14.12
N GLN A 316 13.25 -22.48 -14.99
CA GLN A 316 14.03 -23.71 -14.85
C GLN A 316 14.81 -23.70 -13.54
N ASN A 317 15.35 -22.54 -13.15
CA ASN A 317 16.09 -22.43 -11.90
C ASN A 317 15.19 -22.54 -10.67
N LEU A 318 13.87 -22.43 -10.84
CA LEU A 318 12.96 -22.56 -9.69
C LEU A 318 12.98 -23.97 -9.12
N LYS A 319 13.20 -24.98 -9.97
CA LYS A 319 13.19 -26.36 -9.48
C LYS A 319 14.21 -26.55 -8.36
N LYS A 320 15.44 -26.06 -8.57
CA LYS A 320 16.47 -26.21 -7.54
C LYS A 320 16.20 -25.33 -6.33
N ARG A 321 15.44 -24.25 -6.47
CA ARG A 321 15.24 -23.33 -5.37
C ARG A 321 14.02 -23.69 -4.51
N VAL A 322 12.94 -24.14 -5.12
CA VAL A 322 11.67 -24.31 -4.39
C VAL A 322 10.95 -25.59 -4.80
N GLY A 323 11.68 -26.51 -5.44
CA GLY A 323 11.06 -27.75 -5.91
C GLY A 323 10.44 -28.59 -4.81
N ASP A 324 10.77 -28.32 -3.55
CA ASP A 324 10.14 -28.98 -2.42
C ASP A 324 8.91 -28.24 -1.93
N VAL A 325 8.67 -27.02 -2.40
CA VAL A 325 7.49 -26.25 -2.03
C VAL A 325 6.43 -26.28 -3.13
N LEU A 326 6.85 -26.19 -4.38
CA LEU A 326 5.94 -26.10 -5.52
C LEU A 326 6.15 -27.29 -6.44
N SER A 327 5.04 -27.89 -6.86
CA SER A 327 5.10 -28.96 -7.84
C SER A 327 5.58 -28.41 -9.19
N ASP A 328 5.91 -29.33 -10.09
CA ASP A 328 6.27 -28.92 -11.45
C ASP A 328 5.12 -28.17 -12.11
N ASP A 329 3.89 -28.67 -11.94
CA ASP A 329 2.74 -27.99 -12.50
C ASP A 329 2.58 -26.59 -11.91
N GLN A 330 2.76 -26.48 -10.60
CA GLN A 330 2.67 -25.18 -9.94
C GLN A 330 3.78 -24.25 -10.40
N ILE A 331 4.97 -24.80 -10.68
CA ILE A 331 6.05 -23.98 -11.23
C ILE A 331 5.72 -23.55 -12.66
N LYS A 332 5.14 -24.46 -13.45
CA LYS A 332 4.71 -24.08 -14.80
C LYS A 332 3.59 -23.05 -14.75
N GLU A 333 2.75 -23.08 -13.72
CA GLU A 333 1.70 -22.08 -13.59
C GLU A 333 2.31 -20.71 -13.26
N CYS A 334 3.33 -20.68 -12.40
CA CYS A 334 4.07 -19.45 -12.18
C CYS A 334 4.65 -18.92 -13.49
N GLU A 335 5.20 -19.81 -14.32
CA GLU A 335 5.79 -19.35 -15.57
C GLU A 335 4.76 -18.74 -16.50
N GLU A 336 3.57 -19.37 -16.62
CA GLU A 336 2.53 -18.83 -17.48
C GLU A 336 2.11 -17.43 -17.06
N LEU A 337 2.18 -17.13 -15.77
CA LEU A 337 1.66 -15.88 -15.24
C LEU A 337 2.74 -14.87 -14.93
N GLY A 338 4.01 -15.24 -15.10
CA GLY A 338 5.12 -14.35 -14.82
C GLY A 338 5.41 -14.14 -13.34
N ILE A 339 4.96 -15.04 -12.48
CA ILE A 339 5.11 -14.90 -11.04
C ILE A 339 6.56 -15.16 -10.63
N LEU A 340 7.08 -14.31 -9.73
CA LEU A 340 8.39 -14.51 -9.10
C LEU A 340 8.24 -15.29 -7.80
N VAL A 341 9.32 -15.96 -7.40
CA VAL A 341 9.34 -16.76 -6.18
C VAL A 341 10.63 -16.46 -5.42
N ASP A 342 10.52 -16.24 -4.10
CA ASP A 342 11.68 -16.14 -3.24
C ASP A 342 11.39 -16.92 -1.96
N ARG A 343 12.44 -17.15 -1.17
CA ARG A 343 12.33 -18.05 -0.03
C ARG A 343 13.20 -17.54 1.12
N ASP A 344 12.63 -17.62 2.32
CA ASP A 344 13.29 -17.31 3.58
C ASP A 344 13.98 -18.56 4.11
N ASP A 345 14.36 -18.52 5.38
CA ASP A 345 14.54 -19.74 6.16
C ASP A 345 13.23 -20.20 6.78
N GLN A 346 12.22 -19.34 6.81
CA GLN A 346 10.92 -19.61 7.40
C GLN A 346 9.89 -20.05 6.36
N GLY A 347 9.84 -19.40 5.21
CA GLY A 347 8.78 -19.66 4.27
C GLY A 347 9.12 -19.19 2.87
N THR A 348 8.12 -19.24 2.00
CA THR A 348 8.28 -18.99 0.58
C THR A 348 7.29 -17.91 0.15
N LEU A 349 7.75 -17.04 -0.76
CA LEU A 349 6.97 -15.89 -1.23
C LEU A 349 6.74 -16.04 -2.73
N LEU A 350 5.48 -15.90 -3.15
CA LEU A 350 5.14 -15.69 -4.56
C LEU A 350 4.79 -14.22 -4.74
N GLN A 351 5.35 -13.57 -5.76
CA GLN A 351 5.13 -12.14 -5.92
C GLN A 351 5.17 -11.76 -7.40
N ILE A 352 4.52 -10.65 -7.73
CA ILE A 352 4.62 -10.06 -9.07
C ILE A 352 4.28 -8.58 -8.96
N PHE A 353 4.78 -7.79 -9.90
CA PHE A 353 4.71 -6.33 -9.83
C PHE A 353 4.00 -5.75 -11.05
N THR A 354 3.11 -4.81 -10.80
CA THR A 354 2.49 -4.09 -11.91
C THR A 354 3.45 -3.02 -12.44
N LYS A 355 3.17 -2.59 -13.66
CA LYS A 355 3.73 -1.34 -14.14
C LYS A 355 3.14 -0.19 -13.32
N PRO A 356 3.66 1.03 -13.45
CA PRO A 356 3.15 2.14 -12.64
C PRO A 356 1.65 2.32 -12.79
N LEU A 357 0.98 2.65 -11.68
CA LEU A 357 -0.47 2.76 -11.67
C LEU A 357 -0.98 3.96 -12.45
N GLY A 358 -0.15 4.99 -12.65
CA GLY A 358 -0.62 6.17 -13.34
C GLY A 358 0.42 6.70 -14.31
N ASP A 359 0.35 8.01 -14.60
CA ASP A 359 1.23 8.56 -15.63
C ASP A 359 2.71 8.49 -15.25
N ARG A 360 3.02 8.71 -13.96
CA ARG A 360 4.42 8.83 -13.60
C ARG A 360 4.99 7.49 -13.19
N PRO A 361 6.33 7.26 -13.46
CA PRO A 361 7.00 6.00 -13.06
C PRO A 361 7.29 6.00 -11.57
N THR A 362 6.23 6.01 -10.77
CA THR A 362 6.37 6.20 -9.34
C THR A 362 5.72 5.00 -8.61
N ILE A 363 4.46 5.13 -8.23
CA ILE A 363 3.80 4.08 -7.45
C ILE A 363 3.42 2.90 -8.35
N PHE A 364 3.56 1.69 -7.82
CA PHE A 364 3.07 0.48 -8.48
C PHE A 364 2.50 -0.43 -7.41
N ILE A 365 1.94 -1.56 -7.83
CA ILE A 365 1.34 -2.53 -6.92
C ILE A 365 2.09 -3.85 -7.05
N GLU A 366 2.19 -4.54 -5.92
CA GLU A 366 2.71 -5.90 -5.87
C GLU A 366 1.58 -6.81 -5.43
N ILE A 367 1.43 -7.96 -6.10
CA ILE A 367 0.54 -9.01 -5.65
C ILE A 367 1.39 -10.12 -5.04
N ILE A 368 1.00 -10.61 -3.87
CA ILE A 368 1.80 -11.60 -3.15
C ILE A 368 0.91 -12.67 -2.53
N GLN A 369 1.52 -13.84 -2.31
CA GLN A 369 0.95 -14.87 -1.45
C GLN A 369 2.12 -15.58 -0.79
N ARG A 370 1.95 -15.95 0.48
CA ARG A 370 3.04 -16.51 1.27
C ARG A 370 2.69 -17.92 1.70
N VAL A 371 3.69 -18.79 1.76
CA VAL A 371 3.48 -20.18 2.18
C VAL A 371 4.50 -20.52 3.24
N GLY A 372 4.02 -21.05 4.36
CA GLY A 372 4.85 -21.42 5.50
C GLY A 372 4.45 -20.66 6.75
N CYS A 373 5.32 -20.77 7.76
CA CYS A 373 5.18 -20.01 9.02
C CYS A 373 3.79 -20.16 9.63
N MET A 374 3.32 -21.40 9.72
CA MET A 374 2.03 -21.67 10.32
C MET A 374 2.18 -21.88 11.82
N MET A 375 1.29 -21.28 12.60
CA MET A 375 1.31 -21.47 14.05
C MET A 375 -0.04 -21.97 14.53
N TYR A 383 -2.89 -19.76 12.20
CA TYR A 383 -2.60 -18.49 11.54
C TYR A 383 -1.18 -18.50 10.97
N GLN A 384 -0.92 -17.58 10.05
CA GLN A 384 0.39 -17.42 9.42
C GLN A 384 1.05 -16.14 9.95
N SER A 385 2.29 -16.26 10.38
CA SER A 385 2.99 -15.11 10.94
C SER A 385 3.34 -14.12 9.84
N GLY A 386 3.42 -12.85 10.22
CA GLY A 386 3.59 -11.80 9.23
C GLY A 386 4.95 -11.86 8.55
N GLY A 387 4.96 -11.47 7.28
CA GLY A 387 6.21 -11.39 6.55
C GLY A 387 6.86 -12.72 6.23
N CYS A 388 6.09 -13.80 6.29
CA CYS A 388 6.60 -15.15 6.01
C CYS A 388 7.21 -15.23 4.62
N GLY A 389 8.51 -15.51 4.55
CA GLY A 389 9.20 -15.61 3.28
C GLY A 389 9.93 -14.34 2.88
N GLY A 390 9.72 -13.24 3.60
CA GLY A 390 10.46 -12.02 3.33
C GLY A 390 9.78 -11.08 2.35
N PHE A 391 10.58 -10.35 1.56
CA PHE A 391 10.03 -9.34 0.66
C PHE A 391 10.55 -9.50 -0.77
N GLY A 392 11.28 -10.59 -1.05
CA GLY A 392 11.71 -10.87 -2.40
C GLY A 392 13.04 -10.27 -2.76
N LYS A 393 13.84 -9.87 -1.77
CA LYS A 393 15.13 -9.25 -2.07
C LYS A 393 16.04 -10.20 -2.83
N GLY A 394 15.87 -11.51 -2.62
CA GLY A 394 16.65 -12.47 -3.38
C GLY A 394 16.36 -12.48 -4.86
N ASN A 395 15.23 -11.92 -5.26
CA ASN A 395 14.86 -11.92 -6.67
C ASN A 395 15.60 -10.88 -7.48
N PHE A 396 16.27 -9.91 -6.84
CA PHE A 396 17.15 -9.02 -7.60
C PHE A 396 18.29 -9.82 -8.21
N SER A 397 19.06 -10.51 -7.38
CA SER A 397 20.11 -11.39 -7.87
C SER A 397 19.57 -12.46 -8.81
N GLU A 398 18.46 -13.09 -8.42
CA GLU A 398 17.98 -14.23 -9.18
C GLU A 398 17.45 -13.83 -10.55
N LEU A 399 16.91 -12.62 -10.67
CA LEU A 399 16.48 -12.12 -11.98
C LEU A 399 17.69 -11.79 -12.86
N PHE A 400 18.66 -11.06 -12.30
CA PHE A 400 19.87 -10.73 -13.04
C PHE A 400 20.56 -11.99 -13.57
N LYS A 401 20.78 -12.98 -12.69
CA LYS A 401 21.44 -14.21 -13.11
C LYS A 401 20.65 -14.91 -14.21
N SER A 402 19.33 -14.98 -14.07
CA SER A 402 18.53 -15.71 -15.05
C SER A 402 18.57 -15.06 -16.42
N ILE A 403 18.66 -13.72 -16.47
CA ILE A 403 18.72 -13.05 -17.76
C ILE A 403 20.11 -13.18 -18.38
N GLU A 404 21.16 -13.16 -17.56
CA GLU A 404 22.49 -13.43 -18.08
C GLU A 404 22.59 -14.86 -18.60
N GLU A 405 22.00 -15.81 -17.88
CA GLU A 405 21.96 -17.20 -18.36
C GLU A 405 21.14 -17.31 -19.64
N TYR A 406 20.05 -16.54 -19.74
CA TYR A 406 19.21 -16.63 -20.92
C TYR A 406 19.86 -16.01 -22.14
N GLU A 407 20.68 -14.97 -21.94
CA GLU A 407 21.52 -14.48 -23.04
C GLU A 407 22.35 -15.62 -23.60
N LYS A 408 22.82 -16.51 -22.74
CA LYS A 408 23.42 -17.78 -23.12
C LYS A 408 24.56 -17.63 -24.13
CO CO B . 7.18 -5.60 -1.59
C13 A1LVO C . 9.87 -5.29 -2.99
C17 A1LVO C . 10.86 -4.34 0.72
C20 A1LVO C . 11.98 -4.05 -2.04
C24 A1LVO C . 11.76 -3.32 -10.05
C26 A1LVO C . 12.83 -8.63 -8.00
C28 A1LVO C . 9.09 -2.84 -10.23
C01 A1LVO C . 10.52 -5.62 -4.28
C02 A1LVO C . 11.03 -7.06 -4.36
C03 A1LVO C . 11.63 -7.50 -5.67
C04 A1LVO C . 11.69 -6.51 -6.83
C05 A1LVO C . 11.19 -5.05 -6.83
C06 A1LVO C . 10.56 -4.62 -5.45
C08 A1LVO C . 12.69 -6.56 -9.66
C09 A1LVO C . 12.30 -5.20 -9.79
C11 A1LVO C . 11.30 -4.24 -7.87
C12 A1LVO C . 9.97 -3.25 -5.12
C14 A1LVO C . 10.60 -4.64 -1.85
C16 A1LVO C . 9.97 -4.63 -0.48
C18 A1LVO C . 12.34 -4.62 0.40
C19 A1LVO C . 12.83 -3.80 -0.79
C27 A1LVO C . 10.57 -2.50 -10.47
C29 A1LVO C . 8.04 -1.84 -10.75
C30 A1LVO C . 8.51 -0.56 -11.44
C31 A1LVO C . 9.97 -0.24 -11.65
C32 A1LVO C . 10.99 -1.22 -11.15
C33 A1LVO C . 7.55 0.49 -11.98
F34 A1LVO C . 6.27 0.01 -11.83
F35 A1LVO C . 7.87 0.69 -13.29
F36 A1LVO C . 7.78 1.65 -11.30
N07 A1LVO C . 12.43 -7.26 -8.17
N10 A1LVO C . 11.75 -4.44 -9.14
O15 A1LVO C . 8.73 -5.63 -2.92
O21 A1LVO C . 8.63 -4.96 -0.32
O22 A1LVO C . 12.36 -3.78 -3.14
O23 A1LVO C . 10.90 -3.15 -7.72
O25 A1LVO C . 13.21 -7.15 -10.53
#